data_7A6O
#
_entry.id   7A6O
#
_cell.length_a   65.234
_cell.length_b   65.234
_cell.length_c   233.231
_cell.angle_alpha   90.000
_cell.angle_beta   90.000
_cell.angle_gamma   90.000
#
_symmetry.space_group_name_H-M   'P 43 21 2'
#
loop_
_entity.id
_entity.type
_entity.pdbx_description
1 polymer 'von Willebrand factor'
2 polymer 'VHH81 Nanobody fragment'
3 non-polymer 'SULFATE ION'
4 water water
#
loop_
_entity_poly.entity_id
_entity_poly.type
_entity_poly.pdbx_seq_one_letter_code
_entity_poly.pdbx_strand_id
1 'polypeptide(L)'
;ISEPPLHDFYCSRLLDLVFLLDGSSRLSEAEFEVLKAFVVDMMERLRISQKWVRVAVVEYHDGSHAYIGLKDRKRPSELR
RIASQVKYAGSQVASTSEVLKYTLFQIFSKIDRPEASRIALLLMASQEPQRMSRNFVRYVQGLKKKKVIVIPVGIGPHAN
LKQIRLIEKQAPENKAFVLSSVDELEQQRDEIVSYLCDLAPEAPP
;
A
2 'polypeptide(L)'
;EVQLVESGGGLVQPGGSLRLSCAASGRTFSYNPMGWFRQAPGKGRELVAAISRTGGSTYYPDSVEGRFTISRDNAKRMVY
LQMNSLRAEDTAVYYCAAAGVRAEDGRVRTLPSEYTFWGQGTQVTVSS
;
B
#
loop_
_chem_comp.id
_chem_comp.type
_chem_comp.name
_chem_comp.formula
SO4 non-polymer 'SULFATE ION' 'O4 S -2'
#
# COMPACT_ATOMS: atom_id res chain seq x y z
N ILE A 1 10.30 -8.84 9.48
CA ILE A 1 11.22 -9.65 8.62
C ILE A 1 11.98 -8.66 7.69
N SER A 2 11.63 -8.62 6.40
CA SER A 2 12.44 -8.10 5.27
C SER A 2 11.85 -6.79 4.72
N GLU A 3 12.48 -5.65 4.99
CA GLU A 3 12.32 -4.34 4.27
C GLU A 3 11.11 -3.54 4.74
N PRO A 4 11.30 -2.34 5.34
CA PRO A 4 10.19 -1.60 5.94
C PRO A 4 9.53 -0.58 5.01
N PRO A 5 8.34 -0.05 5.37
CA PRO A 5 7.60 0.81 4.46
C PRO A 5 8.35 2.09 4.09
N LEU A 6 8.28 2.48 2.82
CA LEU A 6 8.90 3.72 2.32
C LEU A 6 7.99 4.93 2.54
N HIS A 7 6.69 4.73 2.68
CA HIS A 7 5.70 5.82 2.79
C HIS A 7 4.70 5.48 3.89
N ASP A 8 3.96 6.49 4.31
CA ASP A 8 2.85 6.31 5.27
C ASP A 8 1.78 5.40 4.64
N PHE A 9 1.43 5.58 3.37
CA PHE A 9 0.44 4.70 2.71
C PHE A 9 1.14 3.37 2.45
N TYR A 10 0.51 2.27 2.83
CA TYR A 10 1.09 0.92 2.71
C TYR A 10 -0.01 -0.13 2.72
N CYS A 11 -0.32 -0.67 1.54
CA CYS A 11 -1.40 -1.66 1.32
C CYS A 11 -0.87 -3.03 1.75
N SER A 12 -1.39 -3.51 2.89
CA SER A 12 -1.11 -4.85 3.47
C SER A 12 -2.35 -5.72 3.30
N ARG A 13 -2.57 -6.21 2.08
CA ARG A 13 -3.75 -7.02 1.73
C ARG A 13 -3.34 -8.14 0.78
N LEU A 14 -4.30 -9.03 0.50
CA LEU A 14 -4.11 -10.23 -0.35
C LEU A 14 -4.50 -9.84 -1.77
N LEU A 15 -3.50 -9.54 -2.59
CA LEU A 15 -3.74 -8.97 -3.93
C LEU A 15 -2.69 -9.45 -4.94
N ASP A 16 -3.16 -10.04 -6.05
CA ASP A 16 -2.36 -10.30 -7.27
C ASP A 16 -2.58 -9.14 -8.23
N LEU A 17 -1.63 -8.23 -8.36
CA LEU A 17 -1.79 -6.98 -9.17
C LEU A 17 -0.83 -7.02 -10.38
N VAL A 18 -1.41 -6.85 -11.59
CA VAL A 18 -0.68 -6.90 -12.90
C VAL A 18 -0.70 -5.51 -13.58
N PHE A 19 0.48 -4.96 -13.77
CA PHE A 19 0.70 -3.67 -14.47
C PHE A 19 0.93 -3.93 -15.95
N LEU A 20 0.06 -3.41 -16.83
CA LEU A 20 0.14 -3.58 -18.31
C LEU A 20 0.36 -2.21 -18.94
N LEU A 21 1.55 -2.01 -19.50
CA LEU A 21 2.11 -0.71 -19.96
C LEU A 21 2.06 -0.65 -21.49
N ASP A 22 1.37 0.35 -22.05
CA ASP A 22 1.33 0.63 -23.52
C ASP A 22 2.77 0.92 -23.98
N GLY A 23 3.23 0.11 -24.93
CA GLY A 23 4.56 0.24 -25.57
C GLY A 23 4.56 1.01 -26.89
N SER A 24 3.45 1.65 -27.33
CA SER A 24 3.36 2.37 -28.63
C SER A 24 4.05 3.73 -28.54
N SER A 25 4.37 4.26 -29.72
CA SER A 25 4.97 5.60 -29.96
C SER A 25 3.95 6.69 -29.62
N ARG A 26 2.68 6.37 -29.30
CA ARG A 26 1.73 7.37 -28.73
C ARG A 26 2.34 8.00 -27.46
N LEU A 27 3.25 7.31 -26.79
CA LEU A 27 4.10 7.88 -25.73
C LEU A 27 5.51 8.14 -26.29
N SER A 28 6.07 9.33 -26.08
CA SER A 28 7.52 9.63 -26.24
C SER A 28 8.32 8.81 -25.22
N GLU A 29 9.61 8.58 -25.48
CA GLU A 29 10.54 8.02 -24.45
C GLU A 29 10.37 8.72 -23.09
N ALA A 30 10.27 10.06 -23.06
CA ALA A 30 10.15 10.84 -21.81
C ALA A 30 8.79 10.57 -21.12
N GLU A 31 7.71 10.53 -21.89
CA GLU A 31 6.36 10.17 -21.38
C GLU A 31 6.34 8.72 -20.86
N PHE A 32 7.09 7.79 -21.45
CA PHE A 32 7.10 6.37 -21.00
C PHE A 32 7.80 6.26 -19.65
N GLU A 33 8.89 7.01 -19.46
CA GLU A 33 9.65 7.16 -18.17
C GLU A 33 8.70 7.65 -17.05
N VAL A 34 7.82 8.61 -17.36
CA VAL A 34 6.78 9.10 -16.43
C VAL A 34 5.83 7.93 -16.08
N LEU A 35 5.42 7.11 -17.06
CA LEU A 35 4.53 5.94 -16.82
C LEU A 35 5.24 4.94 -15.89
N LYS A 36 6.51 4.66 -16.09
CA LYS A 36 7.25 3.68 -15.25
C LYS A 36 7.37 4.23 -13.82
N ALA A 37 7.69 5.51 -13.68
CA ALA A 37 7.81 6.17 -12.37
C ALA A 37 6.50 5.96 -11.60
N PHE A 38 5.35 6.15 -12.25
CA PHE A 38 4.03 5.94 -11.62
C PHE A 38 3.95 4.50 -11.13
N VAL A 39 4.39 3.57 -11.99
CA VAL A 39 4.36 2.13 -11.64
C VAL A 39 5.27 1.93 -10.41
N VAL A 40 6.45 2.53 -10.36
CA VAL A 40 7.39 2.34 -9.22
C VAL A 40 6.82 3.00 -7.95
N ASP A 41 6.17 4.17 -8.05
CA ASP A 41 5.49 4.83 -6.91
C ASP A 41 4.41 3.90 -6.37
N MET A 42 3.59 3.34 -7.25
CA MET A 42 2.53 2.39 -6.84
C MET A 42 3.18 1.26 -6.07
N MET A 43 4.25 0.68 -6.61
CA MET A 43 4.88 -0.52 -6.01
C MET A 43 5.38 -0.22 -4.58
N GLU A 44 5.96 0.97 -4.37
CA GLU A 44 6.47 1.46 -3.06
C GLU A 44 5.37 1.61 -1.98
N ARG A 45 4.09 1.66 -2.37
CA ARG A 45 2.92 1.90 -1.48
C ARG A 45 2.16 0.59 -1.28
N LEU A 46 2.78 -0.54 -1.64
CA LEU A 46 2.22 -1.90 -1.49
C LEU A 46 3.19 -2.71 -0.62
N ARG A 47 2.66 -3.64 0.17
CA ARG A 47 3.46 -4.65 0.89
C ARG A 47 3.77 -5.82 -0.02
N ILE A 48 4.91 -5.84 -0.68
CA ILE A 48 5.19 -6.86 -1.74
C ILE A 48 5.71 -8.15 -1.08
N SER A 49 4.94 -9.24 -1.19
CA SER A 49 5.27 -10.60 -0.67
C SER A 49 4.27 -11.66 -1.18
N GLN A 50 4.69 -12.91 -1.32
CA GLN A 50 3.82 -14.03 -1.77
C GLN A 50 2.61 -14.14 -0.85
N LYS A 51 2.72 -13.65 0.38
CA LYS A 51 1.66 -13.68 1.44
C LYS A 51 0.75 -12.46 1.34
N TRP A 52 1.26 -11.35 0.84
CA TRP A 52 0.47 -10.09 0.77
C TRP A 52 0.23 -9.70 -0.70
N VAL A 53 0.88 -8.66 -1.21
CA VAL A 53 0.63 -8.18 -2.60
C VAL A 53 1.68 -8.83 -3.49
N ARG A 54 1.21 -9.57 -4.50
CA ARG A 54 2.05 -10.03 -5.65
C ARG A 54 1.88 -9.05 -6.82
N VAL A 55 2.99 -8.71 -7.48
CA VAL A 55 3.01 -7.82 -8.70
C VAL A 55 3.57 -8.54 -9.94
N ALA A 56 3.00 -8.19 -11.10
CA ALA A 56 3.54 -8.52 -12.44
C ALA A 56 3.63 -7.24 -13.28
N VAL A 57 4.68 -7.11 -14.11
CA VAL A 57 4.91 -5.96 -15.05
C VAL A 57 5.08 -6.52 -16.46
N VAL A 58 4.18 -6.18 -17.38
CA VAL A 58 4.27 -6.52 -18.82
C VAL A 58 4.25 -5.25 -19.66
N GLU A 59 5.17 -5.08 -20.63
CA GLU A 59 5.06 -4.05 -21.71
C GLU A 59 4.46 -4.72 -22.97
N TYR A 60 3.44 -4.10 -23.58
CA TYR A 60 2.73 -4.65 -24.77
C TYR A 60 2.86 -3.71 -25.98
N HIS A 61 3.30 -4.29 -27.11
CA HIS A 61 3.21 -3.75 -28.50
C HIS A 61 2.30 -4.69 -29.33
N ASP A 62 2.74 -5.26 -30.45
CA ASP A 62 1.95 -6.34 -31.10
C ASP A 62 2.17 -7.66 -30.34
N GLY A 63 3.10 -7.72 -29.40
CA GLY A 63 3.19 -8.85 -28.47
C GLY A 63 3.49 -8.37 -27.05
N SER A 64 3.49 -9.31 -26.11
CA SER A 64 3.67 -9.07 -24.66
C SER A 64 5.12 -9.39 -24.26
N HIS A 65 5.81 -8.42 -23.64
CA HIS A 65 7.14 -8.59 -23.00
C HIS A 65 7.01 -8.53 -21.46
N ALA A 66 6.87 -9.69 -20.81
CA ALA A 66 6.81 -9.87 -19.33
C ALA A 66 8.20 -9.60 -18.74
N TYR A 67 8.28 -8.73 -17.73
CA TYR A 67 9.54 -8.45 -17.00
C TYR A 67 9.53 -9.02 -15.58
N ILE A 68 8.35 -9.12 -14.97
CA ILE A 68 8.14 -9.70 -13.61
C ILE A 68 6.89 -10.57 -13.65
N GLY A 69 6.99 -11.83 -13.19
CA GLY A 69 5.80 -12.66 -12.91
C GLY A 69 5.39 -12.56 -11.44
N LEU A 70 4.11 -12.81 -11.14
CA LEU A 70 3.53 -12.80 -9.77
C LEU A 70 4.38 -13.68 -8.82
N LYS A 71 4.99 -14.76 -9.34
CA LYS A 71 5.63 -15.82 -8.53
C LYS A 71 7.12 -15.55 -8.36
N ASP A 72 7.71 -14.62 -9.11
CA ASP A 72 9.17 -14.27 -9.04
C ASP A 72 9.52 -13.92 -7.59
N ARG A 73 10.13 -14.82 -6.84
CA ARG A 73 10.47 -14.59 -5.40
C ARG A 73 11.77 -13.80 -5.33
N LYS A 74 11.69 -12.47 -5.42
CA LYS A 74 12.83 -11.52 -5.30
C LYS A 74 12.48 -10.40 -4.30
N ARG A 75 13.50 -9.66 -3.88
CA ARG A 75 13.44 -8.50 -2.95
C ARG A 75 12.67 -7.34 -3.60
N PRO A 76 11.62 -6.80 -2.92
CA PRO A 76 10.89 -5.63 -3.42
C PRO A 76 11.74 -4.58 -4.16
N SER A 77 12.88 -4.21 -3.58
CA SER A 77 13.85 -3.22 -4.12
C SER A 77 14.40 -3.70 -5.45
N GLU A 78 14.53 -5.02 -5.61
CA GLU A 78 14.99 -5.66 -6.89
C GLU A 78 13.88 -5.54 -7.94
N LEU A 79 12.65 -5.96 -7.58
CA LEU A 79 11.43 -5.84 -8.42
C LEU A 79 11.21 -4.41 -8.91
N ARG A 80 11.32 -3.42 -8.03
CA ARG A 80 11.14 -1.98 -8.35
C ARG A 80 12.24 -1.52 -9.31
N ARG A 81 13.48 -1.96 -9.10
CA ARG A 81 14.62 -1.65 -10.01
C ARG A 81 14.33 -2.20 -11.42
N ILE A 82 13.81 -3.42 -11.51
CA ILE A 82 13.44 -4.05 -12.82
C ILE A 82 12.38 -3.20 -13.52
N ALA A 83 11.31 -2.85 -12.80
CA ALA A 83 10.22 -2.00 -13.32
C ALA A 83 10.79 -0.68 -13.83
N SER A 84 11.74 -0.05 -13.12
CA SER A 84 12.32 1.27 -13.53
C SER A 84 13.16 1.10 -14.79
N GLN A 85 13.55 -0.13 -15.14
CA GLN A 85 14.48 -0.39 -16.27
C GLN A 85 13.75 -1.04 -17.45
N VAL A 86 12.42 -1.18 -17.41
CA VAL A 86 11.63 -1.59 -18.61
C VAL A 86 12.02 -0.70 -19.79
N LYS A 87 12.29 -1.27 -20.98
CA LYS A 87 12.82 -0.54 -22.16
C LYS A 87 11.67 0.14 -22.94
N TYR A 88 11.93 1.33 -23.50
CA TYR A 88 11.01 2.01 -24.45
C TYR A 88 10.97 1.19 -25.74
N ALA A 89 9.79 0.81 -26.20
CA ALA A 89 9.60 0.12 -27.49
C ALA A 89 9.28 1.17 -28.55
N GLY A 90 8.34 2.08 -28.30
CA GLY A 90 7.93 3.11 -29.28
C GLY A 90 7.35 2.46 -30.53
N SER A 91 6.68 1.33 -30.35
CA SER A 91 6.13 0.46 -31.41
C SER A 91 5.01 1.20 -32.14
N GLN A 92 4.72 0.69 -33.33
CA GLN A 92 3.75 1.20 -34.31
C GLN A 92 2.37 0.93 -33.69
N VAL A 93 2.16 -0.25 -33.13
CA VAL A 93 0.86 -0.69 -32.54
C VAL A 93 1.07 -1.18 -31.10
N ALA A 94 0.06 -0.97 -30.24
CA ALA A 94 -0.05 -1.61 -28.90
C ALA A 94 -1.40 -2.31 -28.80
N SER A 95 -1.38 -3.64 -28.74
CA SER A 95 -2.61 -4.47 -28.84
C SER A 95 -3.20 -4.79 -27.45
N THR A 96 -4.26 -4.09 -27.05
CA THR A 96 -5.01 -4.42 -25.82
C THR A 96 -5.48 -5.88 -25.89
N SER A 97 -5.94 -6.32 -27.06
CA SER A 97 -6.46 -7.70 -27.27
C SER A 97 -5.36 -8.73 -26.98
N GLU A 98 -4.16 -8.52 -27.50
CA GLU A 98 -3.01 -9.44 -27.27
C GLU A 98 -2.57 -9.46 -25.78
N VAL A 99 -2.45 -8.31 -25.13
CA VAL A 99 -1.92 -8.32 -23.73
C VAL A 99 -2.99 -8.87 -22.78
N LEU A 100 -4.28 -8.72 -23.09
CA LEU A 100 -5.37 -9.35 -22.30
C LEU A 100 -5.37 -10.87 -22.52
N LYS A 101 -5.10 -11.35 -23.73
CA LYS A 101 -4.99 -12.81 -23.99
C LYS A 101 -3.83 -13.38 -23.19
N TYR A 102 -2.66 -12.75 -23.27
CA TYR A 102 -1.47 -13.11 -22.47
C TYR A 102 -1.82 -13.16 -20.97
N THR A 103 -2.57 -12.20 -20.47
CA THR A 103 -2.86 -12.10 -19.02
C THR A 103 -3.77 -13.28 -18.69
N LEU A 104 -4.76 -13.53 -19.54
CA LEU A 104 -5.76 -14.63 -19.33
C LEU A 104 -5.10 -16.02 -19.37
N PHE A 105 -4.28 -16.30 -20.40
CA PHE A 105 -3.73 -17.66 -20.65
C PHE A 105 -2.36 -17.81 -20.02
N GLN A 106 -1.57 -16.76 -19.82
CA GLN A 106 -0.19 -16.92 -19.33
C GLN A 106 -0.09 -16.51 -17.86
N ILE A 107 -0.73 -15.43 -17.42
CA ILE A 107 -0.60 -14.99 -16.00
C ILE A 107 -1.68 -15.72 -15.20
N PHE A 108 -2.96 -15.64 -15.58
CA PHE A 108 -4.08 -16.17 -14.77
C PHE A 108 -4.66 -17.47 -15.35
N SER A 109 -3.82 -18.31 -15.98
CA SER A 109 -4.19 -19.66 -16.50
C SER A 109 -4.79 -20.50 -15.37
N LYS A 110 -4.27 -20.36 -14.15
CA LYS A 110 -4.83 -21.02 -12.94
C LYS A 110 -4.76 -20.04 -11.75
N ILE A 111 -5.68 -20.20 -10.81
CA ILE A 111 -5.84 -19.34 -9.60
C ILE A 111 -5.18 -20.01 -8.39
N ASP A 112 -3.88 -19.75 -8.18
CA ASP A 112 -3.10 -20.18 -6.99
C ASP A 112 -3.73 -19.60 -5.72
N ARG A 113 -4.24 -18.38 -5.81
CA ARG A 113 -4.58 -17.56 -4.62
C ARG A 113 -6.03 -17.20 -4.76
N PRO A 114 -6.95 -18.15 -4.54
CA PRO A 114 -8.35 -17.79 -4.46
C PRO A 114 -8.61 -16.87 -3.25
N GLU A 115 -7.76 -16.88 -2.21
CA GLU A 115 -7.92 -16.00 -1.03
C GLU A 115 -7.70 -14.51 -1.42
N ALA A 116 -6.90 -14.22 -2.48
CA ALA A 116 -6.56 -12.87 -3.02
C ALA A 116 -7.60 -12.34 -4.04
N SER A 117 -7.77 -11.02 -4.14
CA SER A 117 -8.28 -10.38 -5.38
C SER A 117 -7.18 -10.42 -6.43
N ARG A 118 -7.57 -10.37 -7.70
CA ARG A 118 -6.70 -10.35 -8.89
C ARG A 118 -7.03 -9.09 -9.71
N ILE A 119 -6.04 -8.25 -10.03
CA ILE A 119 -6.31 -6.97 -10.77
C ILE A 119 -5.36 -6.83 -11.96
N ALA A 120 -5.94 -6.53 -13.12
CA ALA A 120 -5.23 -6.10 -14.34
C ALA A 120 -5.38 -4.60 -14.48
N LEU A 121 -4.28 -3.90 -14.27
CA LEU A 121 -4.22 -2.43 -14.42
C LEU A 121 -3.74 -2.13 -15.84
N LEU A 122 -4.69 -1.92 -16.75
CA LEU A 122 -4.43 -1.77 -18.20
C LEU A 122 -4.17 -0.29 -18.53
N LEU A 123 -2.91 0.06 -18.68
CA LEU A 123 -2.48 1.46 -18.86
C LEU A 123 -2.36 1.76 -20.36
N MET A 124 -3.37 2.43 -20.94
CA MET A 124 -3.62 2.61 -22.41
C MET A 124 -3.37 4.05 -22.87
N ALA A 125 -2.68 4.22 -23.99
CA ALA A 125 -2.36 5.52 -24.63
C ALA A 125 -2.72 5.54 -26.13
N SER A 126 -3.29 4.45 -26.67
CA SER A 126 -3.34 4.17 -28.12
C SER A 126 -4.58 3.35 -28.47
N GLN A 127 -4.76 3.09 -29.76
CA GLN A 127 -5.95 2.41 -30.33
C GLN A 127 -5.44 1.38 -31.35
N GLU A 128 -5.74 0.09 -31.14
CA GLU A 128 -5.20 -1.03 -31.94
C GLU A 128 -6.01 -1.11 -33.25
N PRO A 129 -5.38 -1.53 -34.37
CA PRO A 129 -6.09 -1.84 -35.62
C PRO A 129 -7.37 -2.66 -35.38
N GLN A 130 -8.48 -2.37 -36.09
CA GLN A 130 -9.83 -3.00 -35.85
CA GLN A 130 -9.83 -2.99 -35.83
C GLN A 130 -9.73 -4.48 -36.20
N ARG A 131 -8.73 -4.86 -37.01
CA ARG A 131 -8.49 -6.29 -37.42
C ARG A 131 -8.01 -7.11 -36.23
N MET A 132 -7.30 -6.48 -35.27
CA MET A 132 -6.75 -7.14 -34.06
C MET A 132 -7.79 -7.23 -32.92
N SER A 133 -8.92 -6.55 -33.01
CA SER A 133 -9.92 -6.53 -31.92
C SER A 133 -10.95 -7.65 -32.07
N ARG A 134 -10.75 -8.63 -32.96
CA ARG A 134 -11.75 -9.70 -33.24
C ARG A 134 -12.27 -10.25 -31.92
N ASN A 135 -11.37 -10.68 -31.02
CA ASN A 135 -11.71 -11.50 -29.81
C ASN A 135 -11.66 -10.68 -28.51
N PHE A 136 -11.55 -9.35 -28.60
CA PHE A 136 -11.38 -8.43 -27.47
C PHE A 136 -12.39 -8.73 -26.36
N VAL A 137 -13.69 -8.75 -26.67
CA VAL A 137 -14.75 -8.97 -25.64
C VAL A 137 -14.60 -10.38 -25.08
N ARG A 138 -14.21 -11.32 -25.92
CA ARG A 138 -14.03 -12.72 -25.51
C ARG A 138 -13.03 -12.75 -24.34
N TYR A 139 -11.84 -12.18 -24.53
CA TYR A 139 -10.73 -12.24 -23.54
C TYR A 139 -11.07 -11.48 -22.25
N VAL A 140 -11.85 -10.41 -22.33
CA VAL A 140 -12.29 -9.62 -21.14
C VAL A 140 -13.29 -10.45 -20.36
N GLN A 141 -14.08 -11.21 -21.10
CA GLN A 141 -15.15 -12.07 -20.55
C GLN A 141 -14.44 -13.26 -19.91
N GLY A 142 -13.29 -13.67 -20.45
CA GLY A 142 -12.51 -14.79 -19.92
C GLY A 142 -11.86 -14.42 -18.62
N LEU A 143 -11.45 -13.18 -18.51
CA LEU A 143 -10.88 -12.60 -17.27
C LEU A 143 -11.99 -12.47 -16.22
N LYS A 144 -13.17 -11.93 -16.55
CA LYS A 144 -14.34 -11.85 -15.62
C LYS A 144 -14.67 -13.23 -15.05
N LYS A 145 -14.51 -14.30 -15.83
CA LYS A 145 -14.82 -15.69 -15.39
C LYS A 145 -13.73 -16.18 -14.43
N LYS A 146 -12.48 -15.78 -14.57
CA LYS A 146 -11.36 -16.09 -13.61
C LYS A 146 -11.30 -15.08 -12.43
N LYS A 147 -12.31 -14.22 -12.30
CA LYS A 147 -12.45 -13.24 -11.19
C LYS A 147 -11.24 -12.30 -11.22
N VAL A 148 -10.82 -11.88 -12.43
CA VAL A 148 -9.81 -10.80 -12.64
C VAL A 148 -10.57 -9.50 -12.90
N ILE A 149 -10.33 -8.49 -12.04
CA ILE A 149 -10.88 -7.11 -12.21
C ILE A 149 -9.97 -6.40 -13.21
N VAL A 150 -10.55 -5.88 -14.30
CA VAL A 150 -9.81 -5.08 -15.31
C VAL A 150 -10.12 -3.62 -15.03
N ILE A 151 -9.07 -2.84 -14.73
CA ILE A 151 -9.13 -1.38 -14.45
C ILE A 151 -8.39 -0.71 -15.59
N PRO A 152 -9.12 -0.20 -16.61
CA PRO A 152 -8.48 0.52 -17.71
C PRO A 152 -8.19 1.94 -17.23
N VAL A 153 -6.98 2.41 -17.50
CA VAL A 153 -6.51 3.81 -17.31
C VAL A 153 -6.21 4.36 -18.73
N GLY A 154 -7.09 5.16 -19.30
CA GLY A 154 -6.80 5.83 -20.58
C GLY A 154 -5.93 7.05 -20.33
N ILE A 155 -4.78 7.09 -20.97
CA ILE A 155 -3.80 8.22 -20.87
C ILE A 155 -3.80 8.96 -22.20
N GLY A 156 -4.29 10.19 -22.24
CA GLY A 156 -4.13 11.00 -23.45
C GLY A 156 -5.28 10.83 -24.45
N PRO A 157 -5.27 11.70 -25.48
CA PRO A 157 -6.43 11.85 -26.36
C PRO A 157 -6.55 10.70 -27.38
N HIS A 158 -5.47 9.94 -27.61
CA HIS A 158 -5.42 8.75 -28.52
C HIS A 158 -5.85 7.43 -27.85
N ALA A 159 -5.86 7.31 -26.50
CA ALA A 159 -6.40 6.14 -25.78
C ALA A 159 -7.78 5.78 -26.34
N ASN A 160 -8.12 4.49 -26.46
CA ASN A 160 -9.36 3.99 -27.09
C ASN A 160 -10.52 3.96 -26.07
N LEU A 161 -11.31 5.03 -26.03
CA LEU A 161 -12.42 5.22 -25.05
C LEU A 161 -13.52 4.19 -25.32
N LYS A 162 -13.66 3.75 -26.57
CA LYS A 162 -14.75 2.79 -26.95
C LYS A 162 -14.50 1.50 -26.18
N GLN A 163 -13.25 1.05 -26.21
CA GLN A 163 -12.77 -0.19 -25.53
C GLN A 163 -12.85 -0.03 -24.00
N ILE A 164 -12.39 1.09 -23.43
CA ILE A 164 -12.47 1.41 -21.98
C ILE A 164 -13.91 1.30 -21.50
N ARG A 165 -14.87 1.85 -22.23
CA ARG A 165 -16.33 1.79 -21.91
C ARG A 165 -16.82 0.34 -22.05
N LEU A 166 -16.40 -0.34 -23.11
CA LEU A 166 -16.66 -1.79 -23.36
C LEU A 166 -16.21 -2.63 -22.15
N ILE A 167 -14.99 -2.43 -21.66
CA ILE A 167 -14.41 -3.17 -20.50
C ILE A 167 -15.29 -2.91 -19.29
N GLU A 168 -15.70 -1.67 -19.08
CA GLU A 168 -16.56 -1.30 -17.93
C GLU A 168 -17.91 -2.03 -18.04
N LYS A 169 -18.44 -2.17 -19.26
CA LYS A 169 -19.76 -2.81 -19.53
C LYS A 169 -19.71 -4.26 -19.04
N GLN A 170 -18.68 -5.03 -19.45
CA GLN A 170 -18.54 -6.50 -19.25
C GLN A 170 -18.61 -6.91 -17.78
N ALA A 171 -18.47 -5.99 -16.79
CA ALA A 171 -18.50 -6.35 -15.36
C ALA A 171 -18.48 -5.13 -14.45
N PRO A 172 -19.18 -5.17 -13.30
CA PRO A 172 -19.35 -3.98 -12.47
C PRO A 172 -18.15 -3.47 -11.65
N GLU A 173 -17.17 -4.30 -11.28
CA GLU A 173 -15.96 -3.84 -10.53
C GLU A 173 -14.93 -3.26 -11.51
N ASN A 174 -15.07 -3.64 -12.80
CA ASN A 174 -14.33 -3.08 -13.95
C ASN A 174 -14.68 -1.60 -14.03
N LYS A 175 -13.75 -0.74 -13.59
CA LYS A 175 -13.97 0.70 -13.34
C LYS A 175 -12.80 1.46 -13.96
N ALA A 176 -13.05 2.58 -14.66
CA ALA A 176 -12.06 3.23 -15.54
C ALA A 176 -11.66 4.59 -14.97
N PHE A 177 -10.43 5.00 -15.28
CA PHE A 177 -9.80 6.32 -15.02
C PHE A 177 -9.43 6.91 -16.37
N VAL A 178 -9.99 8.05 -16.76
CA VAL A 178 -9.69 8.67 -18.07
C VAL A 178 -8.85 9.92 -17.83
N LEU A 179 -7.57 9.90 -18.22
CA LEU A 179 -6.55 10.95 -17.95
C LEU A 179 -6.24 11.70 -19.25
N SER A 180 -6.05 13.02 -19.18
CA SER A 180 -5.70 13.90 -20.32
C SER A 180 -4.23 13.70 -20.74
N SER A 181 -3.34 13.24 -19.83
CA SER A 181 -1.92 12.94 -20.14
C SER A 181 -1.23 12.18 -18.98
N VAL A 182 0.02 11.73 -19.16
CA VAL A 182 0.82 11.01 -18.12
C VAL A 182 1.03 11.90 -16.88
N ASP A 183 1.10 13.22 -17.06
CA ASP A 183 1.37 14.14 -15.93
C ASP A 183 0.26 14.03 -14.90
N GLU A 184 -0.95 13.61 -15.31
CA GLU A 184 -2.13 13.41 -14.44
C GLU A 184 -2.00 12.15 -13.58
N LEU A 185 -1.10 11.23 -13.95
CA LEU A 185 -0.97 9.92 -13.24
C LEU A 185 -0.56 10.20 -11.81
N GLU A 186 0.41 11.10 -11.63
CA GLU A 186 0.93 11.46 -10.29
C GLU A 186 -0.17 12.21 -9.51
N GLN A 187 -0.93 13.11 -10.13
CA GLN A 187 -2.11 13.75 -9.49
C GLN A 187 -3.03 12.66 -8.95
N GLN A 188 -3.28 11.65 -9.78
CA GLN A 188 -4.37 10.67 -9.60
C GLN A 188 -3.91 9.47 -8.76
N ARG A 189 -2.60 9.35 -8.50
CA ARG A 189 -1.96 8.14 -7.94
C ARG A 189 -2.63 7.72 -6.61
N ASP A 190 -2.84 8.65 -5.70
CA ASP A 190 -3.23 8.30 -4.30
C ASP A 190 -4.65 7.74 -4.30
N GLU A 191 -5.51 8.37 -5.09
CA GLU A 191 -6.91 7.93 -5.32
C GLU A 191 -6.86 6.53 -5.95
N ILE A 192 -6.02 6.33 -6.97
CA ILE A 192 -5.97 5.04 -7.70
C ILE A 192 -5.51 3.93 -6.75
N VAL A 193 -4.39 4.09 -6.06
CA VAL A 193 -3.86 3.01 -5.16
C VAL A 193 -4.86 2.76 -4.02
N SER A 194 -5.52 3.80 -3.50
CA SER A 194 -6.56 3.61 -2.46
C SER A 194 -7.66 2.74 -3.03
N TYR A 195 -8.10 3.01 -4.26
CA TYR A 195 -9.20 2.23 -4.90
C TYR A 195 -8.78 0.78 -5.05
N LEU A 196 -7.60 0.53 -5.61
CA LEU A 196 -7.03 -0.83 -5.81
C LEU A 196 -6.97 -1.56 -4.45
N CYS A 197 -6.50 -0.90 -3.39
CA CYS A 197 -6.27 -1.53 -2.05
C CYS A 197 -7.63 -1.96 -1.47
N ASP A 198 -8.63 -1.10 -1.55
CA ASP A 198 -10.00 -1.40 -1.04
C ASP A 198 -10.67 -2.56 -1.79
N LEU A 199 -10.30 -2.88 -3.01
CA LEU A 199 -10.98 -4.01 -3.70
C LEU A 199 -10.47 -5.32 -3.13
N ALA A 200 -9.40 -5.30 -2.33
CA ALA A 200 -8.72 -6.53 -1.88
C ALA A 200 -9.11 -6.82 -0.44
N PRO A 201 -9.03 -8.10 -0.01
CA PRO A 201 -9.26 -8.46 1.39
C PRO A 201 -8.01 -8.35 2.30
N GLU A 202 -8.25 -7.98 3.57
CA GLU A 202 -7.28 -8.11 4.69
C GLU A 202 -7.33 -9.55 5.20
N ALA A 203 -6.20 -10.17 5.49
CA ALA A 203 -6.03 -11.65 5.55
C ALA A 203 -7.31 -12.44 5.86
N PRO A 204 -8.23 -12.80 4.90
CA PRO A 204 -9.36 -13.69 5.20
C PRO A 204 -9.04 -15.18 5.34
N PRO A 205 -7.76 -15.58 5.55
CA PRO A 205 -7.48 -16.80 6.32
C PRO A 205 -7.81 -16.55 7.80
N GLU B 1 -4.58 -11.08 16.16
CA GLU B 1 -4.17 -10.27 15.00
C GLU B 1 -2.87 -9.50 15.28
N VAL B 2 -2.92 -8.47 16.15
CA VAL B 2 -1.74 -7.66 16.60
C VAL B 2 -1.52 -7.85 18.11
N GLN B 3 -0.32 -8.24 18.52
CA GLN B 3 0.08 -8.35 19.95
C GLN B 3 1.14 -7.28 20.25
N LEU B 4 0.88 -6.53 21.33
CA LEU B 4 1.70 -5.39 21.83
C LEU B 4 2.16 -5.74 23.24
N VAL B 5 3.45 -5.63 23.51
CA VAL B 5 4.01 -5.93 24.84
C VAL B 5 4.86 -4.72 25.30
N GLU B 6 4.36 -3.95 26.26
CA GLU B 6 5.15 -2.86 26.90
C GLU B 6 6.17 -3.43 27.89
N SER B 7 7.33 -2.79 27.99
CA SER B 7 8.32 -2.98 29.09
C SER B 7 8.98 -1.63 29.49
N GLY B 8 9.67 -1.59 30.66
CA GLY B 8 10.67 -0.56 31.03
C GLY B 8 10.18 0.45 32.08
N GLY B 9 8.98 0.25 32.62
CA GLY B 9 8.37 1.07 33.70
C GLY B 9 9.00 0.77 35.05
N GLY B 10 8.64 1.53 36.08
CA GLY B 10 9.28 1.49 37.41
C GLY B 10 9.13 2.80 38.16
N LEU B 11 9.93 2.97 39.19
CA LEU B 11 9.89 4.16 40.07
C LEU B 11 10.94 5.16 39.58
N VAL B 12 10.65 6.47 39.55
CA VAL B 12 11.71 7.51 39.31
C VAL B 12 11.52 8.71 40.24
N GLN B 13 12.64 9.41 40.49
CA GLN B 13 12.74 10.74 41.16
C GLN B 13 12.06 11.73 40.26
N PRO B 14 11.28 12.70 40.81
CA PRO B 14 10.80 13.86 40.04
C PRO B 14 11.96 14.56 39.32
N GLY B 15 11.70 15.05 38.10
CA GLY B 15 12.71 15.59 37.16
C GLY B 15 13.56 14.50 36.51
N GLY B 16 13.39 13.22 36.91
CA GLY B 16 14.06 12.04 36.29
C GLY B 16 13.56 11.72 34.87
N SER B 17 14.18 10.70 34.27
CA SER B 17 14.08 10.29 32.85
C SER B 17 13.72 8.82 32.78
N LEU B 18 13.00 8.39 31.74
CA LEU B 18 12.60 6.96 31.58
C LEU B 18 12.20 6.67 30.12
N ARG B 19 12.71 5.56 29.60
CA ARG B 19 12.36 5.06 28.25
C ARG B 19 11.43 3.85 28.38
N LEU B 20 10.22 3.97 27.81
CA LEU B 20 9.30 2.81 27.60
C LEU B 20 9.51 2.19 26.20
N SER B 21 9.50 0.86 26.14
CA SER B 21 9.57 0.03 24.89
C SER B 21 8.24 -0.71 24.69
N CYS B 22 7.86 -0.96 23.44
CA CYS B 22 6.68 -1.78 23.05
C CYS B 22 7.07 -2.67 21.87
N ALA B 23 6.96 -3.98 22.06
CA ALA B 23 7.32 -4.99 21.06
C ALA B 23 6.02 -5.43 20.39
N ALA B 24 5.90 -5.18 19.08
CA ALA B 24 4.69 -5.45 18.27
C ALA B 24 4.93 -6.74 17.51
N SER B 25 3.95 -7.64 17.49
CA SER B 25 4.06 -8.94 16.77
C SER B 25 2.73 -9.34 16.12
N GLY B 26 2.75 -10.43 15.32
CA GLY B 26 1.55 -11.00 14.67
C GLY B 26 1.52 -10.74 13.16
N ARG B 27 0.72 -11.53 12.44
CA ARG B 27 0.77 -11.66 10.96
C ARG B 27 0.26 -10.34 10.40
N THR B 28 -0.85 -9.84 10.95
CA THR B 28 -1.58 -8.67 10.42
C THR B 28 -0.85 -7.38 10.79
N PHE B 29 0.22 -7.43 11.59
CA PHE B 29 0.96 -6.19 11.95
C PHE B 29 1.60 -5.65 10.67
N SER B 30 1.38 -4.36 10.35
CA SER B 30 1.81 -3.71 9.08
C SER B 30 2.49 -2.36 9.38
N TYR B 31 3.23 -2.29 10.49
CA TYR B 31 3.86 -1.03 10.99
C TYR B 31 2.78 0.06 11.14
N ASN B 32 1.65 -0.28 11.76
CA ASN B 32 0.49 0.63 11.92
C ASN B 32 0.87 1.93 12.62
N PRO B 33 0.13 3.04 12.45
CA PRO B 33 0.30 4.19 13.32
C PRO B 33 0.14 3.69 14.78
N MET B 34 1.01 4.17 15.68
CA MET B 34 1.01 3.77 17.10
C MET B 34 0.79 5.01 17.96
N GLY B 35 0.43 4.77 19.22
CA GLY B 35 0.09 5.79 20.21
C GLY B 35 0.41 5.26 21.60
N TRP B 36 0.81 6.14 22.51
CA TRP B 36 0.98 5.81 23.94
C TRP B 36 -0.16 6.53 24.65
N PHE B 37 -0.94 5.80 25.45
CA PHE B 37 -2.04 6.31 26.31
C PHE B 37 -1.67 6.06 27.77
N ARG B 38 -2.29 6.80 28.69
CA ARG B 38 -2.16 6.47 30.12
C ARG B 38 -3.49 6.60 30.86
N GLN B 39 -3.55 5.83 31.96
CA GLN B 39 -4.62 5.91 32.97
C GLN B 39 -3.96 6.24 34.33
N ALA B 40 -4.11 7.48 34.78
CA ALA B 40 -3.66 7.92 36.11
C ALA B 40 -4.76 7.61 37.10
N PRO B 41 -4.42 7.34 38.39
CA PRO B 41 -5.40 7.20 39.46
C PRO B 41 -6.56 8.20 39.32
N GLY B 42 -7.79 7.67 39.31
CA GLY B 42 -9.05 8.42 39.21
C GLY B 42 -9.31 9.11 37.88
N LYS B 43 -8.59 8.78 36.80
CA LYS B 43 -8.72 9.49 35.51
C LYS B 43 -8.90 8.54 34.32
N GLY B 44 -9.58 9.02 33.27
CA GLY B 44 -9.76 8.29 31.99
C GLY B 44 -8.44 8.07 31.25
N ARG B 45 -8.47 7.23 30.22
CA ARG B 45 -7.32 7.01 29.31
C ARG B 45 -7.05 8.33 28.57
N GLU B 46 -5.80 8.77 28.61
CA GLU B 46 -5.32 9.95 27.87
C GLU B 46 -4.28 9.57 26.80
N LEU B 47 -4.47 10.01 25.55
CA LEU B 47 -3.40 9.93 24.53
C LEU B 47 -2.29 10.93 24.93
N VAL B 48 -1.06 10.47 25.16
CA VAL B 48 0.07 11.39 25.45
C VAL B 48 1.00 11.54 24.22
N ALA B 49 0.95 10.66 23.20
CA ALA B 49 1.92 10.65 22.08
C ALA B 49 1.43 9.72 20.96
N ALA B 50 1.55 10.17 19.71
CA ALA B 50 1.15 9.40 18.51
C ALA B 50 2.20 9.60 17.40
N ILE B 51 2.36 8.60 16.54
CA ILE B 51 3.41 8.55 15.48
C ILE B 51 2.86 7.87 14.22
N SER B 52 3.13 8.44 13.06
CA SER B 52 2.81 7.88 11.72
C SER B 52 3.53 6.55 11.59
N ARG B 53 3.18 5.81 10.55
CA ARG B 53 3.82 4.53 10.14
C ARG B 53 5.33 4.70 9.96
N THR B 54 5.77 5.75 9.27
CA THR B 54 7.20 5.95 8.94
C THR B 54 7.94 6.61 10.10
N GLY B 55 7.24 7.33 10.98
CA GLY B 55 7.87 8.07 12.08
C GLY B 55 8.14 9.49 11.67
N GLY B 56 7.71 9.91 10.49
CA GLY B 56 8.01 11.27 10.00
C GLY B 56 7.09 12.32 10.62
N SER B 57 6.07 11.89 11.35
CA SER B 57 5.02 12.77 11.95
C SER B 57 4.68 12.28 13.36
N THR B 58 4.51 13.21 14.28
CA THR B 58 4.26 12.93 15.72
C THR B 58 3.19 13.90 16.22
N TYR B 59 2.47 13.49 17.25
CA TYR B 59 1.44 14.32 17.92
C TYR B 59 1.60 14.10 19.42
N TYR B 60 1.64 15.21 20.16
CA TYR B 60 1.57 15.25 21.64
C TYR B 60 0.61 16.36 22.05
N PRO B 61 -0.21 16.18 23.11
CA PRO B 61 -1.04 17.30 23.59
C PRO B 61 -0.12 18.39 24.15
N ASP B 62 -0.50 19.66 24.01
CA ASP B 62 0.30 20.83 24.49
C ASP B 62 0.73 20.60 25.95
N SER B 63 -0.15 20.08 26.79
CA SER B 63 0.13 19.77 28.22
C SER B 63 1.48 19.05 28.41
N VAL B 64 1.94 18.26 27.45
CA VAL B 64 3.12 17.36 27.68
C VAL B 64 4.24 17.61 26.65
N GLU B 65 4.08 18.60 25.75
CA GLU B 65 5.12 18.99 24.78
C GLU B 65 6.41 19.27 25.55
N GLY B 66 7.48 18.55 25.24
CA GLY B 66 8.79 18.76 25.87
C GLY B 66 9.09 17.68 26.89
N ARG B 67 8.07 16.96 27.36
CA ARG B 67 8.28 15.91 28.38
C ARG B 67 8.26 14.48 27.81
N PHE B 68 7.73 14.30 26.60
CA PHE B 68 7.61 12.99 25.92
C PHE B 68 8.16 13.09 24.49
N THR B 69 8.97 12.14 24.08
CA THR B 69 9.29 11.94 22.65
C THR B 69 8.92 10.48 22.28
N ILE B 70 7.91 10.33 21.41
CA ILE B 70 7.59 9.01 20.77
C ILE B 70 8.46 8.87 19.52
N SER B 71 9.00 7.67 19.31
CA SER B 71 9.83 7.28 18.14
C SER B 71 9.56 5.79 17.79
N ARG B 72 10.12 5.28 16.71
CA ARG B 72 9.88 3.86 16.36
C ARG B 72 11.05 3.37 15.50
N ASP B 73 11.27 2.05 15.48
CA ASP B 73 12.31 1.37 14.67
C ASP B 73 11.60 0.22 13.96
N ASN B 74 11.25 0.39 12.69
CA ASN B 74 10.38 -0.59 11.96
C ASN B 74 11.12 -1.92 11.70
N ALA B 75 12.44 -1.88 11.51
CA ALA B 75 13.30 -3.09 11.38
C ALA B 75 13.14 -4.01 12.59
N LYS B 76 12.90 -3.47 13.79
CA LYS B 76 12.83 -4.28 15.03
C LYS B 76 11.38 -4.43 15.48
N ARG B 77 10.44 -3.76 14.82
CA ARG B 77 8.99 -3.76 15.15
C ARG B 77 8.82 -3.30 16.60
N MET B 78 9.49 -2.20 16.92
CA MET B 78 9.50 -1.53 18.25
C MET B 78 8.93 -0.13 18.11
N VAL B 79 8.34 0.35 19.20
CA VAL B 79 7.98 1.77 19.40
C VAL B 79 8.39 2.16 20.84
N TYR B 80 8.72 3.43 21.06
CA TYR B 80 9.40 3.91 22.29
C TYR B 80 8.68 5.16 22.77
N LEU B 81 8.71 5.40 24.08
CA LEU B 81 8.30 6.69 24.71
C LEU B 81 9.41 7.15 25.64
N GLN B 82 10.15 8.15 25.17
CA GLN B 82 11.19 8.82 25.98
C GLN B 82 10.42 9.82 26.83
N MET B 83 10.56 9.66 28.15
CA MET B 83 9.96 10.49 29.22
C MET B 83 11.09 11.32 29.87
N ASN B 84 10.87 12.63 29.98
CA ASN B 84 11.95 13.60 30.33
C ASN B 84 11.38 14.54 31.39
N SER B 85 12.16 14.91 32.42
CA SER B 85 11.77 15.95 33.41
C SER B 85 10.39 15.56 34.00
N LEU B 86 10.30 14.34 34.54
CA LEU B 86 9.02 13.74 34.97
C LEU B 86 8.42 14.48 36.16
N ARG B 87 7.09 14.52 36.23
CA ARG B 87 6.34 15.14 37.34
C ARG B 87 5.45 14.13 38.08
N ALA B 88 4.81 14.58 39.15
CA ALA B 88 3.93 13.79 40.03
C ALA B 88 2.78 13.21 39.19
N GLU B 89 2.09 14.08 38.50
CA GLU B 89 0.95 13.77 37.59
C GLU B 89 1.28 12.76 36.46
N ASP B 90 2.56 12.44 36.21
CA ASP B 90 3.00 11.48 35.16
C ASP B 90 2.97 10.06 35.72
N THR B 91 2.65 9.90 37.01
CA THR B 91 2.35 8.59 37.64
C THR B 91 1.04 8.06 37.04
N ALA B 92 1.09 6.83 36.55
CA ALA B 92 -0.04 6.20 35.81
C ALA B 92 0.42 4.87 35.23
N VAL B 93 -0.54 4.07 34.74
CA VAL B 93 -0.27 2.90 33.85
C VAL B 93 -0.23 3.42 32.40
N TYR B 94 0.84 3.09 31.68
CA TYR B 94 1.13 3.57 30.29
C TYR B 94 0.81 2.41 29.34
N TYR B 95 -0.09 2.63 28.38
CA TYR B 95 -0.46 1.62 27.34
C TYR B 95 0.03 2.07 25.96
N CYS B 96 0.70 1.15 25.26
CA CYS B 96 1.03 1.17 23.80
C CYS B 96 -0.17 0.65 23.01
N ALA B 97 -0.68 1.39 22.02
CA ALA B 97 -1.77 0.95 21.12
C ALA B 97 -1.41 1.14 19.63
N ALA B 98 -2.21 0.53 18.75
CA ALA B 98 -2.05 0.54 17.27
C ALA B 98 -3.42 0.75 16.63
N ALA B 99 -3.46 1.64 15.62
CA ALA B 99 -4.65 1.94 14.79
C ALA B 99 -4.89 0.80 13.80
N GLY B 100 -6.07 0.21 13.89
CA GLY B 100 -6.51 -0.84 12.98
C GLY B 100 -7.59 -0.33 12.05
N VAL B 101 -8.17 0.84 12.30
CA VAL B 101 -9.14 1.47 11.36
C VAL B 101 -8.38 2.03 10.15
N ARG B 102 -8.62 1.51 8.94
CA ARG B 102 -8.04 1.97 7.65
C ARG B 102 -6.50 1.97 7.77
N ALA B 103 -5.96 0.88 8.29
CA ALA B 103 -4.51 0.67 8.54
C ALA B 103 -3.63 1.13 7.37
N GLU B 104 -4.09 1.00 6.12
CA GLU B 104 -3.27 1.30 4.90
C GLU B 104 -2.83 2.77 4.95
N ASP B 105 -3.64 3.65 5.54
CA ASP B 105 -3.29 5.09 5.72
C ASP B 105 -2.44 5.26 6.98
N GLY B 106 -1.14 5.45 6.86
CA GLY B 106 -0.22 5.46 8.01
C GLY B 106 -0.02 6.84 8.64
N ARG B 107 -0.93 7.77 8.43
CA ARG B 107 -0.81 9.13 9.01
C ARG B 107 -1.03 9.02 10.52
N VAL B 108 -0.50 9.97 11.28
CA VAL B 108 -0.66 10.05 12.76
C VAL B 108 -2.14 10.11 13.02
N ARG B 109 -2.58 9.37 14.03
CA ARG B 109 -4.01 9.28 14.45
C ARG B 109 -4.17 9.88 15.86
N THR B 110 -5.05 10.85 16.03
CA THR B 110 -5.32 11.49 17.35
C THR B 110 -6.66 10.97 17.94
N LEU B 111 -7.61 10.50 17.13
CA LEU B 111 -8.94 10.05 17.62
C LEU B 111 -8.77 8.70 18.32
N PRO B 112 -9.02 8.59 19.65
CA PRO B 112 -8.78 7.33 20.39
C PRO B 112 -9.59 6.11 19.89
N SER B 113 -10.74 6.31 19.24
CA SER B 113 -11.61 5.21 18.73
C SER B 113 -10.95 4.52 17.52
N GLU B 114 -9.95 5.14 16.89
CA GLU B 114 -9.21 4.58 15.71
C GLU B 114 -8.12 3.64 16.20
N TYR B 115 -7.77 3.74 17.48
CA TYR B 115 -6.87 2.77 18.17
C TYR B 115 -7.69 1.54 18.56
N THR B 116 -7.20 0.38 18.16
CA THR B 116 -7.95 -0.88 18.00
C THR B 116 -7.25 -1.99 18.76
N PHE B 117 -5.92 -2.04 18.79
CA PHE B 117 -5.11 -3.07 19.52
C PHE B 117 -4.38 -2.39 20.68
N TRP B 118 -4.30 -3.05 21.84
CA TRP B 118 -3.88 -2.48 23.15
C TRP B 118 -2.97 -3.46 23.87
N GLY B 119 -1.93 -2.97 24.54
CA GLY B 119 -0.98 -3.80 25.31
C GLY B 119 -1.56 -4.03 26.70
N GLN B 120 -0.77 -4.59 27.60
CA GLN B 120 -1.25 -5.03 28.94
C GLN B 120 -1.07 -3.87 29.94
N GLY B 121 -0.15 -2.93 29.67
CA GLY B 121 0.09 -1.73 30.52
C GLY B 121 1.42 -1.85 31.24
N THR B 122 2.11 -0.75 31.50
CA THR B 122 3.35 -0.72 32.33
C THR B 122 3.19 0.46 33.29
N GLN B 123 3.46 0.23 34.59
CA GLN B 123 3.31 1.25 35.67
C GLN B 123 4.55 2.15 35.69
N VAL B 124 4.31 3.45 35.71
CA VAL B 124 5.36 4.45 36.03
C VAL B 124 4.92 5.23 37.27
N THR B 125 5.68 5.12 38.35
CA THR B 125 5.48 5.91 39.61
C THR B 125 6.64 6.91 39.76
N VAL B 126 6.29 8.20 39.83
CA VAL B 126 7.23 9.35 39.98
C VAL B 126 7.15 9.76 41.45
N SER B 127 8.08 9.31 42.31
CA SER B 127 8.05 9.51 43.79
C SER B 127 9.48 9.60 44.39
N SER B 128 9.63 9.37 45.70
CA SER B 128 10.92 9.29 46.45
C SER B 128 11.04 7.94 47.19
S SO4 C . 4.96 9.99 2.64
O1 SO4 C . 4.63 9.02 3.65
O2 SO4 C . 4.36 9.65 1.36
O3 SO4 C . 4.45 11.27 3.08
O4 SO4 C . 6.40 10.06 2.48
#